data_1HLQ
#
_entry.id   1HLQ
#
_cell.length_a   88.312
_cell.length_b   88.312
_cell.length_c   61.340
_cell.angle_alpha   90.00
_cell.angle_beta   90.00
_cell.angle_gamma   90.00
#
_symmetry.space_group_name_H-M   'P 43 21 2'
#
loop_
_entity.id
_entity.type
_entity.pdbx_description
1 polymer 'HIGH-POTENTIAL IRON-SULFUR PROTEIN'
2 non-polymer 'SULFATE ION'
3 non-polymer 'IRON/SULFUR CLUSTER'
4 water water
#
_entity_poly.entity_id   1
_entity_poly.type   'polypeptide(L)'
_entity_poly.pdbx_seq_one_letter_code
;AAPLVAETDANAKSLGYVADTTKADKTKYPKHTKDQSCSTCALYQGKTAPQGACPLFAGKEVVAKGWCSAWAKKA
;
_entity_poly.pdbx_strand_id   A,B,C
#
# COMPACT_ATOMS: atom_id res chain seq x y z
N ALA A 1 -15.00 -13.04 -6.88
CA ALA A 1 -13.57 -13.44 -6.97
C ALA A 1 -12.84 -12.66 -8.05
N ALA A 2 -11.67 -12.17 -7.69
CA ALA A 2 -10.80 -11.39 -8.56
C ALA A 2 -9.52 -12.16 -8.85
N PRO A 3 -8.77 -11.71 -9.85
CA PRO A 3 -7.50 -12.30 -10.17
C PRO A 3 -6.58 -12.30 -8.95
N LEU A 4 -5.83 -13.39 -8.81
CA LEU A 4 -4.86 -13.44 -7.72
C LEU A 4 -3.66 -12.57 -8.01
N VAL A 5 -3.12 -11.97 -6.94
CA VAL A 5 -1.86 -11.25 -7.06
C VAL A 5 -0.80 -12.16 -7.65
N ALA A 6 0.01 -11.69 -8.58
CA ALA A 6 1.15 -12.41 -9.11
C ALA A 6 2.38 -11.99 -8.31
N GLU A 7 3.27 -12.91 -8.00
CA GLU A 7 4.48 -12.61 -7.26
C GLU A 7 5.40 -11.68 -8.02
N THR A 8 5.28 -11.59 -9.33
CA THR A 8 6.05 -10.68 -10.15
C THR A 8 5.40 -9.31 -10.27
N ASP A 9 4.20 -9.09 -9.75
CA ASP A 9 3.57 -7.76 -9.78
C ASP A 9 4.46 -6.80 -9.00
N ALA A 10 4.56 -5.56 -9.45
CA ALA A 10 5.46 -4.60 -8.81
C ALA A 10 5.16 -4.39 -7.34
N ASN A 11 3.89 -4.23 -7.00
CA ASN A 11 3.54 -4.01 -5.60
C ASN A 11 3.81 -5.25 -4.76
N ALA A 12 3.64 -6.42 -5.36
CA ALA A 12 3.95 -7.67 -4.66
C ALA A 12 5.44 -7.75 -4.39
N LYS A 13 6.28 -7.51 -5.39
CA LYS A 13 7.73 -7.58 -5.23
C LYS A 13 8.21 -6.58 -4.16
N SER A 14 7.60 -5.40 -4.11
CA SER A 14 7.99 -4.39 -3.12
C SER A 14 7.76 -4.88 -1.69
N LEU A 15 6.77 -5.74 -1.49
CA LEU A 15 6.44 -6.27 -0.17
C LEU A 15 6.88 -7.70 0.05
N GLY A 16 7.65 -8.27 -0.88
CA GLY A 16 8.09 -9.67 -0.77
C GLY A 16 6.93 -10.64 -0.71
N TYR A 17 5.79 -10.30 -1.35
CA TYR A 17 4.63 -11.18 -1.29
C TYR A 17 4.90 -12.53 -1.93
N VAL A 18 4.42 -13.56 -1.22
CA VAL A 18 4.46 -14.93 -1.74
C VAL A 18 3.07 -15.51 -1.54
N ALA A 19 2.65 -16.37 -2.47
CA ALA A 19 1.37 -17.03 -2.34
C ALA A 19 1.38 -18.15 -1.30
N ASP A 20 2.55 -18.53 -0.83
CA ASP A 20 2.69 -19.59 0.16
C ASP A 20 3.77 -19.14 1.14
N THR A 21 3.37 -18.88 2.38
CA THR A 21 4.27 -18.42 3.42
C THR A 21 5.49 -19.30 3.65
N THR A 22 5.40 -20.58 3.30
CA THR A 22 6.54 -21.47 3.43
C THR A 22 7.57 -21.27 2.32
N LYS A 23 7.39 -20.27 1.46
CA LYS A 23 8.29 -19.91 0.39
C LYS A 23 8.76 -18.48 0.52
N ALA A 24 8.45 -17.86 1.66
CA ALA A 24 8.88 -16.50 1.91
C ALA A 24 10.41 -16.41 1.92
N ASP A 25 10.95 -15.24 1.61
CA ASP A 25 12.41 -15.09 1.63
C ASP A 25 12.84 -14.85 3.06
N LYS A 26 13.17 -15.94 3.76
CA LYS A 26 13.58 -15.85 5.16
C LYS A 26 14.95 -15.19 5.32
N THR A 27 15.76 -15.12 4.26
CA THR A 27 17.04 -14.44 4.41
C THR A 27 16.80 -12.94 4.46
N LYS A 28 15.93 -12.44 3.57
CA LYS A 28 15.64 -11.03 3.52
C LYS A 28 14.75 -10.57 4.68
N TYR A 29 13.86 -11.46 5.12
CA TYR A 29 12.92 -11.16 6.20
C TYR A 29 13.08 -12.18 7.33
N PRO A 30 14.15 -12.03 8.11
CA PRO A 30 14.47 -12.98 9.16
C PRO A 30 13.48 -13.06 10.30
N LYS A 31 12.54 -12.12 10.45
CA LYS A 31 11.52 -12.20 11.48
C LYS A 31 10.25 -12.92 11.01
N HIS A 32 10.22 -13.32 9.73
CA HIS A 32 9.11 -14.12 9.23
C HIS A 32 9.08 -15.46 9.97
N THR A 33 7.90 -16.00 10.18
CA THR A 33 7.75 -17.39 10.60
C THR A 33 6.57 -17.97 9.81
N LYS A 34 6.44 -19.29 9.75
CA LYS A 34 5.31 -19.88 9.03
C LYS A 34 4.02 -19.76 9.81
N ASP A 35 4.03 -19.19 11.02
CA ASP A 35 2.84 -18.85 11.76
C ASP A 35 2.21 -17.58 11.16
N GLN A 36 2.98 -16.83 10.40
CA GLN A 36 2.52 -15.62 9.75
C GLN A 36 2.00 -16.01 8.34
N SER A 37 0.74 -15.70 8.11
CA SER A 37 0.17 -15.88 6.78
C SER A 37 -0.95 -14.85 6.64
N CYS A 38 -1.48 -14.70 5.43
CA CYS A 38 -2.60 -13.77 5.25
C CYS A 38 -3.76 -14.18 6.15
N SER A 39 -3.97 -15.47 6.32
CA SER A 39 -5.06 -15.94 7.18
C SER A 39 -4.92 -15.47 8.61
N THR A 40 -3.70 -15.21 9.08
CA THR A 40 -3.49 -14.74 10.45
C THR A 40 -3.14 -13.26 10.52
N CYS A 41 -3.30 -12.54 9.43
CA CYS A 41 -2.97 -11.13 9.32
C CYS A 41 -4.17 -10.23 9.61
N ALA A 42 -3.94 -9.13 10.32
CA ALA A 42 -5.01 -8.19 10.64
C ALA A 42 -5.59 -7.51 9.43
N LEU A 43 -4.87 -7.46 8.30
CA LEU A 43 -5.32 -6.79 7.10
C LEU A 43 -6.13 -7.66 6.18
N TYR A 44 -6.02 -8.98 6.29
CA TYR A 44 -6.74 -9.89 5.40
C TYR A 44 -8.24 -9.74 5.54
N GLN A 45 -8.94 -9.69 4.40
CA GLN A 45 -10.40 -9.50 4.47
C GLN A 45 -11.18 -10.75 4.10
N GLY A 46 -10.53 -11.85 3.77
CA GLY A 46 -11.19 -13.07 3.37
C GLY A 46 -11.73 -14.01 4.42
N LYS A 47 -11.56 -13.68 5.69
CA LYS A 47 -11.98 -14.52 6.81
C LYS A 47 -11.43 -15.94 6.71
N THR A 48 -12.29 -16.96 6.68
CA THR A 48 -11.87 -18.35 6.62
C THR A 48 -11.67 -18.86 5.18
N ALA A 49 -11.95 -18.04 4.19
CA ALA A 49 -11.78 -18.45 2.80
C ALA A 49 -10.31 -18.65 2.43
N PRO A 50 -10.04 -19.48 1.44
CA PRO A 50 -8.69 -19.77 1.00
C PRO A 50 -8.04 -18.66 0.18
N GLN A 51 -8.77 -17.64 -0.22
CA GLN A 51 -8.29 -16.46 -0.91
C GLN A 51 -9.28 -15.34 -0.64
N GLY A 52 -8.79 -14.12 -0.69
CA GLY A 52 -9.62 -12.96 -0.38
C GLY A 52 -8.82 -11.68 -0.54
N ALA A 53 -9.50 -10.56 -0.27
CA ALA A 53 -8.88 -9.26 -0.48
C ALA A 53 -7.93 -8.83 0.62
N CYS A 54 -7.02 -7.97 0.18
CA CYS A 54 -6.05 -7.30 1.07
C CYS A 54 -6.01 -5.84 0.64
N PRO A 55 -6.04 -4.89 1.57
CA PRO A 55 -6.03 -3.48 1.22
C PRO A 55 -4.83 -3.01 0.47
N LEU A 56 -3.70 -3.72 0.52
CA LEU A 56 -2.48 -3.36 -0.15
C LEU A 56 -2.46 -3.79 -1.60
N PHE A 57 -3.43 -4.63 -1.99
CA PHE A 57 -3.46 -5.19 -3.34
C PHE A 57 -4.79 -4.96 -4.05
N ALA A 58 -4.94 -3.77 -4.62
CA ALA A 58 -6.15 -3.37 -5.32
C ALA A 58 -6.43 -4.20 -6.56
N GLY A 59 -7.69 -4.51 -6.74
CA GLY A 59 -8.25 -5.20 -7.88
C GLY A 59 -8.03 -6.68 -7.95
N LYS A 60 -7.36 -7.20 -6.92
CA LYS A 60 -6.94 -8.59 -6.87
C LYS A 60 -7.26 -9.23 -5.53
N GLU A 61 -6.86 -10.49 -5.41
CA GLU A 61 -7.02 -11.24 -4.17
C GLU A 61 -5.67 -11.90 -3.84
N VAL A 62 -5.46 -12.11 -2.55
CA VAL A 62 -4.27 -12.81 -2.09
C VAL A 62 -4.66 -14.22 -1.65
N VAL A 63 -3.71 -15.12 -1.57
CA VAL A 63 -3.95 -16.50 -1.12
C VAL A 63 -3.81 -16.51 0.39
N ALA A 64 -4.74 -17.15 1.10
CA ALA A 64 -4.77 -17.15 2.55
C ALA A 64 -3.53 -17.74 3.21
N LYS A 65 -2.91 -18.66 2.53
CA LYS A 65 -1.67 -19.34 2.86
CA LYS A 65 -1.67 -19.28 3.05
C LYS A 65 -0.46 -18.46 2.65
N GLY A 66 -0.64 -17.32 1.99
CA GLY A 66 0.39 -16.41 1.58
C GLY A 66 0.97 -15.53 2.68
N TRP A 67 1.82 -14.59 2.29
CA TRP A 67 2.50 -13.70 3.22
C TRP A 67 3.13 -12.54 2.47
N CYS A 68 3.23 -11.42 3.19
CA CYS A 68 4.00 -10.29 2.69
C CYS A 68 4.62 -9.59 3.90
N SER A 69 5.55 -8.68 3.61
CA SER A 69 6.32 -8.04 4.67
C SER A 69 5.49 -7.18 5.58
N ALA A 70 4.30 -6.77 5.20
CA ALA A 70 3.39 -6.00 6.02
C ALA A 70 2.57 -6.86 6.98
N TRP A 71 2.81 -8.19 7.00
CA TRP A 71 2.03 -9.05 7.87
C TRP A 71 1.83 -8.41 9.23
N ALA A 72 0.58 -8.27 9.62
CA ALA A 72 0.23 -7.51 10.81
C ALA A 72 -0.41 -8.39 11.87
N LYS A 73 0.28 -8.55 12.99
CA LYS A 73 -0.24 -9.34 14.10
CA LYS A 73 -0.25 -9.36 14.09
C LYS A 73 -1.49 -8.65 14.62
N LYS A 74 -2.57 -9.38 14.86
CA LYS A 74 -3.81 -8.74 15.32
C LYS A 74 -3.74 -8.16 16.73
N ALA A 75 -4.38 -7.01 16.95
CA ALA A 75 -4.40 -6.39 18.27
C ALA A 75 -5.17 -7.27 19.26
CA ALA B 2 -1.33 17.32 7.86
C ALA B 2 -2.54 16.47 7.90
N PRO B 3 -3.48 16.57 8.82
CA PRO B 3 -3.39 16.27 10.20
C PRO B 3 -2.70 14.95 10.53
N LEU B 4 -2.11 14.85 11.73
CA LEU B 4 -1.40 13.64 12.08
C LEU B 4 -2.28 12.60 12.74
N VAL B 5 -2.01 11.33 12.44
CA VAL B 5 -2.75 10.22 13.03
C VAL B 5 -2.61 10.28 14.55
N ALA B 6 -3.72 10.08 15.25
CA ALA B 6 -3.66 10.10 16.71
C ALA B 6 -3.63 8.64 17.19
N GLU B 7 -2.94 8.38 18.29
CA GLU B 7 -2.85 7.01 18.79
C GLU B 7 -4.18 6.49 19.31
N THR B 8 -5.14 7.35 19.61
CA THR B 8 -6.46 6.98 20.07
C THR B 8 -7.41 6.67 18.92
N ASP B 9 -7.06 7.07 17.69
CA ASP B 9 -7.91 6.78 16.54
C ASP B 9 -8.12 5.27 16.48
N ALA B 10 -9.30 4.79 16.16
CA ALA B 10 -9.63 3.38 16.09
C ALA B 10 -8.71 2.55 15.20
N ASN B 11 -8.37 3.08 14.04
CA ASN B 11 -7.49 2.34 13.11
C ASN B 11 -6.08 2.27 13.69
N ALA B 12 -5.67 3.32 14.37
CA ALA B 12 -4.36 3.35 15.02
C ALA B 12 -4.31 2.25 16.08
N LYS B 13 -5.35 2.16 16.91
CA LYS B 13 -5.44 1.14 17.95
C LYS B 13 -5.37 -0.28 17.42
N SER B 14 -6.07 -0.57 16.33
CA SER B 14 -6.11 -1.87 15.72
C SER B 14 -4.74 -2.36 15.22
N LEU B 15 -3.90 -1.44 14.82
CA LEU B 15 -2.57 -1.82 14.33
C LEU B 15 -1.45 -1.48 15.30
N GLY B 16 -1.81 -0.97 16.48
CA GLY B 16 -0.81 -0.57 17.46
C GLY B 16 0.02 0.62 17.04
N TYR B 17 -0.51 1.56 16.25
CA TYR B 17 0.26 2.71 15.81
C TYR B 17 0.69 3.58 16.99
N VAL B 18 1.94 4.00 16.93
CA VAL B 18 2.50 4.97 17.87
C VAL B 18 3.26 6.01 17.05
N ALA B 19 3.28 7.27 17.51
CA ALA B 19 4.01 8.36 16.87
C ALA B 19 5.50 8.34 17.16
N ASP B 20 5.92 7.46 18.06
CA ASP B 20 7.32 7.28 18.42
C ASP B 20 7.55 5.78 18.57
N THR B 21 8.34 5.21 17.68
CA THR B 21 8.61 3.79 17.66
C THR B 21 9.19 3.22 18.95
N THR B 22 9.84 4.10 19.73
CA THR B 22 10.39 3.68 21.01
C THR B 22 9.28 3.37 22.03
N LYS B 23 8.05 3.74 21.80
CA LYS B 23 6.91 3.45 22.65
C LYS B 23 6.03 2.32 22.17
N ALA B 24 6.45 1.60 21.11
CA ALA B 24 5.65 0.47 20.62
C ALA B 24 5.42 -0.56 21.73
N ASP B 25 4.30 -1.24 21.67
CA ASP B 25 3.95 -2.22 22.69
C ASP B 25 4.61 -3.57 22.38
N LYS B 26 5.76 -3.78 23.00
CA LYS B 26 6.52 -5.01 22.82
C LYS B 26 5.82 -6.21 23.45
N THR B 27 4.85 -6.03 24.35
CA THR B 27 4.10 -7.18 24.86
C THR B 27 3.21 -7.73 23.76
N LYS B 28 2.62 -6.94 22.88
CA LYS B 28 1.81 -7.47 21.81
C LYS B 28 2.70 -7.84 20.62
N TYR B 29 3.75 -7.05 20.39
CA TYR B 29 4.59 -7.17 19.20
C TYR B 29 6.05 -7.37 19.52
N PRO B 30 6.42 -8.60 19.92
CA PRO B 30 7.75 -8.89 20.39
C PRO B 30 8.84 -8.77 19.36
N LYS B 31 8.49 -8.77 18.08
CA LYS B 31 9.48 -8.64 17.03
C LYS B 31 9.72 -7.20 16.60
N HIS B 32 8.99 -6.26 17.20
CA HIS B 32 9.28 -4.85 16.97
C HIS B 32 10.73 -4.56 17.39
N THR B 33 11.39 -3.64 16.69
CA THR B 33 12.70 -3.11 17.11
C THR B 33 12.63 -1.60 16.92
N LYS B 34 13.53 -0.87 17.55
CA LYS B 34 13.58 0.57 17.37
C LYS B 34 14.14 0.96 16.02
N ASP B 35 14.68 0.00 15.28
CA ASP B 35 15.19 0.16 13.95
C ASP B 35 14.04 0.19 12.94
N GLN B 36 12.84 -0.17 13.38
CA GLN B 36 11.64 -0.15 12.58
C GLN B 36 10.89 1.15 12.86
N SER B 37 10.61 1.89 11.80
CA SER B 37 9.80 3.08 11.90
C SER B 37 9.20 3.34 10.52
N CYS B 38 8.20 4.21 10.45
CA CYS B 38 7.62 4.56 9.15
C CYS B 38 8.70 4.99 8.17
N SER B 39 9.75 5.69 8.60
CA SER B 39 10.84 6.08 7.73
C SER B 39 11.46 4.93 6.95
N THR B 40 11.46 3.73 7.50
CA THR B 40 12.06 2.58 6.82
C THR B 40 11.00 1.59 6.34
N CYS B 41 9.75 1.97 6.38
CA CYS B 41 8.64 1.09 5.97
C CYS B 41 8.39 1.19 4.47
N ALA B 42 8.12 0.05 3.85
CA ALA B 42 7.84 0.01 2.42
C ALA B 42 6.54 0.67 2.07
N LEU B 43 5.61 0.94 2.98
CA LEU B 43 4.36 1.59 2.69
C LEU B 43 4.40 3.11 2.90
N TYR B 44 5.37 3.62 3.61
CA TYR B 44 5.41 5.08 3.87
C TYR B 44 5.58 5.85 2.57
N GLN B 45 4.83 6.94 2.43
CA GLN B 45 4.93 7.78 1.22
C GLN B 45 5.67 9.08 1.41
N GLY B 46 6.28 9.32 2.57
CA GLY B 46 6.99 10.57 2.79
C GLY B 46 8.44 10.67 2.46
N LYS B 47 9.07 9.66 1.90
CA LYS B 47 10.49 9.65 1.56
C LYS B 47 11.35 10.04 2.74
N THR B 48 12.20 11.07 2.65
CA THR B 48 13.06 11.44 3.77
C THR B 48 12.43 12.48 4.68
N ALA B 49 11.18 12.84 4.43
CA ALA B 49 10.49 13.83 5.25
C ALA B 49 10.08 13.23 6.58
N PRO B 50 10.03 14.05 7.62
CA PRO B 50 9.65 13.59 8.94
C PRO B 50 8.18 13.27 9.10
N GLN B 51 7.30 13.58 8.16
CA GLN B 51 5.92 13.18 8.18
C GLN B 51 5.47 12.93 6.72
N GLY B 52 4.48 12.05 6.57
CA GLY B 52 4.03 11.70 5.22
C GLY B 52 2.86 10.74 5.30
N ALA B 53 2.29 10.42 4.15
CA ALA B 53 1.13 9.55 4.09
C ALA B 53 1.47 8.05 4.15
N CYS B 54 0.48 7.33 4.60
CA CYS B 54 0.54 5.87 4.73
C CYS B 54 -0.77 5.36 4.19
N PRO B 55 -0.77 4.33 3.34
CA PRO B 55 -1.99 3.82 2.76
C PRO B 55 -2.95 3.19 3.72
N LEU B 56 -2.53 2.85 4.94
CA LEU B 56 -3.44 2.27 5.91
C LEU B 56 -4.17 3.33 6.72
N PHE B 57 -3.78 4.59 6.65
CA PHE B 57 -4.32 5.70 7.42
C PHE B 57 -4.86 6.85 6.60
N ALA B 58 -6.12 6.75 6.21
CA ALA B 58 -6.84 7.72 5.42
C ALA B 58 -7.02 9.11 5.99
N GLY B 59 -6.79 10.12 5.16
CA GLY B 59 -6.94 11.52 5.46
C GLY B 59 -6.02 12.08 6.52
N LYS B 60 -5.01 11.31 6.91
CA LYS B 60 -4.07 11.67 7.96
C LYS B 60 -2.64 11.42 7.46
N GLU B 61 -1.67 11.91 8.21
CA GLU B 61 -0.27 11.66 7.92
C GLU B 61 0.32 10.99 9.16
N VAL B 62 1.37 10.22 8.93
CA VAL B 62 2.06 9.55 10.01
C VAL B 62 3.43 10.20 10.16
N VAL B 63 4.04 9.98 11.33
CA VAL B 63 5.36 10.57 11.55
C VAL B 63 6.42 9.54 11.20
N ALA B 64 7.49 9.94 10.55
CA ALA B 64 8.58 9.06 10.16
C ALA B 64 9.18 8.28 11.31
N LYS B 65 9.23 8.85 12.52
CA LYS B 65 9.77 8.21 13.70
C LYS B 65 8.77 7.25 14.33
N GLY B 66 7.56 7.16 13.82
CA GLY B 66 6.49 6.32 14.27
C GLY B 66 6.52 4.87 13.80
N TRP B 67 5.50 4.11 14.16
CA TRP B 67 5.44 2.69 13.82
C TRP B 67 4.07 2.09 14.00
N CYS B 68 3.76 1.03 13.25
CA CYS B 68 2.53 0.25 13.46
C CYS B 68 2.86 -1.22 13.15
N SER B 69 1.98 -2.14 13.53
CA SER B 69 2.26 -3.56 13.38
C SER B 69 2.43 -4.04 11.96
N ALA B 70 1.97 -3.24 11.00
CA ALA B 70 2.14 -3.58 9.60
C ALA B 70 3.48 -3.11 9.03
N TRP B 71 4.36 -2.58 9.87
CA TRP B 71 5.67 -2.11 9.44
C TRP B 71 6.27 -3.14 8.48
N ALA B 72 6.64 -2.64 7.31
CA ALA B 72 7.06 -3.55 6.23
C ALA B 72 8.49 -3.29 5.79
N LYS B 73 9.38 -4.20 6.16
CA LYS B 73 10.77 -4.11 5.76
C LYS B 73 10.84 -4.00 4.24
N LYS B 74 11.67 -3.09 3.76
CA LYS B 74 11.77 -2.89 2.30
C LYS B 74 12.50 -4.03 1.60
N ALA B 75 12.14 -4.22 0.32
CA ALA B 75 12.80 -5.23 -0.51
C ALA B 75 14.22 -4.80 -0.84
N ALA C 1 7.82 3.08 -0.36
CA ALA C 1 6.47 3.40 -0.88
C ALA C 1 6.09 2.39 -1.99
N ALA C 2 4.80 2.19 -2.16
CA ALA C 2 4.33 1.28 -3.22
C ALA C 2 4.80 1.84 -4.56
N PRO C 3 5.15 0.98 -5.49
CA PRO C 3 5.64 1.40 -6.79
C PRO C 3 4.58 2.13 -7.60
N LEU C 4 5.05 3.09 -8.38
CA LEU C 4 4.20 3.90 -9.24
C LEU C 4 4.23 3.44 -10.70
N VAL C 5 3.06 3.65 -11.33
CA VAL C 5 2.98 3.40 -12.78
C VAL C 5 4.06 4.21 -13.49
N ALA C 6 4.73 3.60 -14.44
CA ALA C 6 5.73 4.26 -15.27
C ALA C 6 4.97 4.72 -16.52
N GLU C 7 5.27 5.92 -16.99
CA GLU C 7 4.61 6.44 -18.19
C GLU C 7 4.98 5.63 -19.43
N THR C 8 6.08 4.89 -19.42
CA THR C 8 6.46 4.04 -20.54
C THR C 8 5.84 2.64 -20.47
N ASP C 9 5.14 2.31 -19.40
CA ASP C 9 4.49 1.00 -19.31
C ASP C 9 3.46 0.92 -20.45
N ALA C 10 3.30 -0.29 -21.00
CA ALA C 10 2.41 -0.43 -22.16
C ALA C 10 0.99 0.06 -21.96
N ASN C 11 0.31 -0.25 -20.85
CA ASN C 11 -1.06 0.24 -20.68
C ASN C 11 -1.08 1.75 -20.44
N ALA C 12 -0.08 2.23 -19.70
CA ALA C 12 0.04 3.66 -19.45
C ALA C 12 0.19 4.41 -20.77
N LYS C 13 1.12 3.96 -21.63
CA LYS C 13 1.35 4.60 -22.91
C LYS C 13 0.05 4.60 -23.72
N SER C 14 -0.64 3.46 -23.74
CA SER C 14 -1.85 3.42 -24.57
C SER C 14 -2.95 4.35 -24.11
N LEU C 15 -3.21 4.33 -22.79
CA LEU C 15 -4.24 5.17 -22.20
C LEU C 15 -3.82 6.63 -22.03
N GLY C 16 -2.55 6.95 -22.21
CA GLY C 16 -2.10 8.33 -22.06
C GLY C 16 -1.88 8.75 -20.61
N TYR C 17 -1.58 7.77 -19.76
CA TYR C 17 -1.35 8.11 -18.36
C TYR C 17 -0.11 8.99 -18.23
N VAL C 18 -0.25 10.04 -17.44
CA VAL C 18 0.81 10.97 -17.09
C VAL C 18 0.75 11.16 -15.58
N ALA C 19 1.92 11.32 -14.96
CA ALA C 19 1.96 11.53 -13.51
C ALA C 19 1.50 12.92 -13.10
N ASP C 20 1.38 13.85 -14.05
CA ASP C 20 0.82 15.17 -13.78
C ASP C 20 -0.14 15.50 -14.93
N THR C 21 -1.39 15.75 -14.60
CA THR C 21 -2.42 16.09 -15.56
C THR C 21 -2.09 17.29 -16.44
N THR C 22 -1.24 18.19 -16.02
CA THR C 22 -0.86 19.33 -16.84
C THR C 22 -0.04 18.92 -18.04
N LYS C 23 0.53 17.71 -18.08
CA LYS C 23 1.32 17.21 -19.19
C LYS C 23 0.55 16.24 -20.08
N ALA C 24 -0.76 16.14 -19.91
CA ALA C 24 -1.54 15.23 -20.76
C ALA C 24 -1.45 15.61 -22.23
N ASP C 25 -1.56 14.64 -23.12
CA ASP C 25 -1.47 14.90 -24.55
C ASP C 25 -2.84 15.30 -25.10
N LYS C 26 -3.04 16.61 -25.21
CA LYS C 26 -4.30 17.11 -25.75
C LYS C 26 -4.51 16.81 -27.22
N THR C 27 -3.49 16.55 -28.01
CA THR C 27 -3.69 16.19 -29.42
C THR C 27 -4.38 14.85 -29.53
N LYS C 28 -3.97 13.89 -28.69
CA LYS C 28 -4.65 12.61 -28.70
C LYS C 28 -5.96 12.68 -27.93
N TYR C 29 -6.00 13.49 -26.87
CA TYR C 29 -7.13 13.59 -25.96
C TYR C 29 -7.66 14.99 -25.80
N PRO C 30 -8.40 15.48 -26.82
CA PRO C 30 -8.97 16.81 -26.80
C PRO C 30 -10.01 17.04 -25.72
N LYS C 31 -10.57 15.99 -25.11
CA LYS C 31 -11.55 16.12 -24.04
C LYS C 31 -10.88 16.31 -22.68
N HIS C 32 -9.56 16.24 -22.60
CA HIS C 32 -8.88 16.46 -21.33
C HIS C 32 -9.00 17.91 -20.89
N THR C 33 -9.06 18.17 -19.58
CA THR C 33 -8.99 19.49 -18.99
C THR C 33 -8.08 19.37 -17.75
N LYS C 34 -7.43 20.44 -17.31
CA LYS C 34 -6.54 20.37 -16.16
C LYS C 34 -7.19 20.16 -14.82
N ASP C 35 -8.51 20.24 -14.75
CA ASP C 35 -9.27 19.95 -13.55
C ASP C 35 -9.54 18.45 -13.44
N GLN C 36 -9.22 17.69 -14.48
CA GLN C 36 -9.34 16.24 -14.45
C GLN C 36 -8.00 15.69 -13.92
N SER C 37 -8.09 14.85 -12.90
CA SER C 37 -6.90 14.19 -12.36
C SER C 37 -7.35 12.92 -11.66
N CYS C 38 -6.42 12.03 -11.31
CA CYS C 38 -6.78 10.83 -10.53
C CYS C 38 -7.55 11.23 -9.28
N SER C 39 -7.14 12.30 -8.60
CA SER C 39 -7.83 12.80 -7.42
C SER C 39 -9.30 13.08 -7.64
N THR C 40 -9.79 13.47 -8.81
CA THR C 40 -11.20 13.70 -9.04
C THR C 40 -11.84 12.60 -9.88
N CYS C 41 -11.14 11.48 -10.04
CA CYS C 41 -11.63 10.37 -10.83
C CYS C 41 -12.44 9.38 -10.01
N ALA C 42 -13.48 8.80 -10.58
CA ALA C 42 -14.30 7.81 -9.91
C ALA C 42 -13.53 6.54 -9.60
N LEU C 43 -12.50 6.18 -10.38
CA LEU C 43 -11.74 4.98 -10.12
C LEU C 43 -10.61 5.08 -9.13
N TYR C 44 -10.13 6.27 -8.78
CA TYR C 44 -9.04 6.43 -7.83
C TYR C 44 -9.45 6.01 -6.42
N GLN C 45 -8.60 5.23 -5.76
CA GLN C 45 -8.87 4.75 -4.42
C GLN C 45 -7.97 5.37 -3.37
N GLY C 46 -7.13 6.33 -3.71
CA GLY C 46 -6.20 6.95 -2.81
C GLY C 46 -6.71 7.96 -1.80
N LYS C 47 -7.96 8.38 -1.92
CA LYS C 47 -8.50 9.39 -1.01
C LYS C 47 -7.66 10.66 -1.10
N THR C 48 -7.05 11.10 0.00
CA THR C 48 -6.28 12.34 0.00
C THR C 48 -4.78 12.14 -0.06
N ALA C 49 -4.32 10.90 -0.19
CA ALA C 49 -2.89 10.63 -0.27
C ALA C 49 -2.38 11.08 -1.63
N PRO C 50 -1.08 11.31 -1.75
CA PRO C 50 -0.46 11.77 -2.97
C PRO C 50 -0.38 10.71 -4.05
N GLN C 51 -0.56 9.45 -3.67
CA GLN C 51 -0.57 8.32 -4.60
C GLN C 51 -1.58 7.30 -4.07
N GLY C 52 -2.14 6.44 -4.92
CA GLY C 52 -3.14 5.49 -4.51
C GLY C 52 -3.45 4.54 -5.68
N ALA C 53 -4.29 3.56 -5.37
CA ALA C 53 -4.61 2.59 -6.41
C ALA C 53 -5.66 3.06 -7.39
N CYS C 54 -5.47 2.55 -8.61
CA CYS C 54 -6.39 2.64 -9.71
C CYS C 54 -6.54 1.16 -10.15
N PRO C 55 -7.75 0.64 -10.20
CA PRO C 55 -7.95 -0.77 -10.54
C PRO C 55 -7.40 -1.14 -11.89
N LEU C 56 -7.47 -0.20 -12.84
CA LEU C 56 -6.97 -0.50 -14.17
C LEU C 56 -5.49 -0.87 -14.14
N PHE C 57 -4.70 -0.16 -13.33
CA PHE C 57 -3.28 -0.31 -13.22
C PHE C 57 -2.85 -1.21 -12.06
N ALA C 58 -3.77 -2.00 -11.54
CA ALA C 58 -3.51 -2.91 -10.43
C ALA C 58 -2.12 -3.53 -10.56
N GLY C 59 -1.33 -3.39 -9.50
CA GLY C 59 0.05 -3.81 -9.48
C GLY C 59 0.99 -2.64 -9.23
N LYS C 60 0.61 -1.46 -9.68
CA LYS C 60 1.34 -0.21 -9.50
C LYS C 60 0.35 0.91 -9.19
N GLU C 61 0.75 1.87 -8.36
CA GLU C 61 -0.16 2.97 -8.00
C GLU C 61 -0.02 4.16 -8.94
N VAL C 62 -1.03 4.99 -8.92
CA VAL C 62 -1.03 6.23 -9.72
C VAL C 62 -0.87 7.43 -8.80
N VAL C 63 -0.43 8.53 -9.37
CA VAL C 63 -0.22 9.78 -8.61
C VAL C 63 -1.50 10.57 -8.62
N ALA C 64 -1.92 11.14 -7.49
CA ALA C 64 -3.18 11.85 -7.35
C ALA C 64 -3.36 13.01 -8.33
N LYS C 65 -2.26 13.66 -8.67
CA LYS C 65 -2.31 14.79 -9.60
C LYS C 65 -2.14 14.33 -11.03
N GLY C 66 -2.05 13.02 -11.27
CA GLY C 66 -1.91 12.47 -12.60
C GLY C 66 -3.23 12.39 -13.36
N TRP C 67 -3.26 11.66 -14.49
CA TRP C 67 -4.45 11.52 -15.31
C TRP C 67 -4.22 10.45 -16.38
N CYS C 68 -5.34 9.85 -16.79
CA CYS C 68 -5.27 8.99 -17.98
C CYS C 68 -6.62 9.16 -18.68
N SER C 69 -6.67 8.71 -19.96
CA SER C 69 -7.87 8.90 -20.76
C SER C 69 -9.08 8.12 -20.29
N ALA C 70 -8.96 7.20 -19.32
CA ALA C 70 -10.11 6.52 -18.73
C ALA C 70 -10.73 7.36 -17.62
N TRP C 71 -10.21 8.54 -17.34
CA TRP C 71 -10.75 9.42 -16.32
C TRP C 71 -12.27 9.52 -16.41
N ALA C 72 -12.95 9.45 -15.28
CA ALA C 72 -14.40 9.56 -15.19
C ALA C 72 -14.76 10.32 -13.92
N LYS C 73 -15.58 11.36 -14.06
CA LYS C 73 -15.93 12.19 -12.92
C LYS C 73 -16.57 11.37 -11.80
N LYS C 74 -16.23 11.69 -10.55
CA LYS C 74 -16.78 10.94 -9.42
C LYS C 74 -18.09 11.56 -8.96
#